data_1TN2
#
_entry.id   1TN2
#
_cell.length_a   56.700
_cell.length_b   33.200
_cell.length_c   63.000
_cell.angle_alpha   90.00
_cell.angle_beta   89.90
_cell.angle_gamma   90.00
#
_symmetry.space_group_name_H-M   'P 1 21 1'
#
loop_
_entity.id
_entity.type
_entity.pdbx_description
1 polymer TRNAPHE
2 non-polymer SPERMINE
3 non-polymer 'MAGNESIUM ION'
4 non-polymer 'LEAD (II) ION'
5 water water
#
_entity_poly.entity_id   1
_entity_poly.type   'polyribonucleotide'
_entity_poly.pdbx_seq_one_letter_code
;GCGGAUUUA(2MG)CUCAG(H2U)(H2U)GGGAGAGC(M2G)CCAGA(OMC)U(OMG)AA(YG)A(PSU)(5MC)UGGAG
(7MG)UC(5MC)UGUG(5MU)(PSU)CG(1MA)UCCACAGAAUUCGCACCA
;
_entity_poly.pdbx_strand_id   A
#